data_2OUG
#
_entry.id   2OUG
#
_cell.length_a   45.149
_cell.length_b   45.149
_cell.length_c   600.163
_cell.angle_alpha   90.00
_cell.angle_beta   90.00
_cell.angle_gamma   120.00
#
_symmetry.space_group_name_H-M   'P 65'
#
loop_
_entity.id
_entity.type
_entity.pdbx_description
1 polymer 'Transcriptional activator rfaH'
2 water water
#
_entity_poly.entity_id   1
_entity_poly.type   'polypeptide(L)'
_entity_poly.pdbx_seq_one_letter_code
;MQSWYLLYCKRGQLQRAQEHLERQAVNCLAPMITLEKIVRGKRTAVSEPLFPNYLFVEFDPEVIHTTTINATRGVSHFVR
FGASPAIVPSAVIHQLSVYKPKDIVDPATPYPGDKVIITEGAFEGFQAIFTEPDGEARSMLLLNLINKEIKHSVKNTEFR
KL
;
_entity_poly.pdbx_strand_id   A,B,C,D
#
# COMPACT_ATOMS: atom_id res chain seq x y z
N GLN A 2 64.11 46.76 -102.24
CA GLN A 2 64.27 46.22 -103.61
C GLN A 2 65.27 45.10 -103.62
N SER A 3 64.88 43.95 -104.13
CA SER A 3 65.83 42.84 -104.23
C SER A 3 65.69 42.14 -105.55
N TRP A 4 66.71 41.36 -105.86
CA TRP A 4 66.76 40.64 -107.11
C TRP A 4 66.09 39.29 -107.06
N TYR A 5 65.61 38.83 -108.21
CA TYR A 5 64.90 37.56 -108.32
C TYR A 5 65.19 36.93 -109.64
N LEU A 6 65.04 35.62 -109.71
CA LEU A 6 65.35 34.90 -110.90
C LEU A 6 64.14 34.28 -111.54
N LEU A 7 63.70 34.80 -112.67
CA LEU A 7 62.52 34.25 -113.32
C LEU A 7 62.94 33.34 -114.45
N TYR A 8 62.19 32.29 -114.67
CA TYR A 8 62.45 31.41 -115.77
C TYR A 8 61.34 31.69 -116.73
N CYS A 9 61.61 31.80 -118.01
CA CYS A 9 60.54 32.14 -118.92
C CYS A 9 60.19 31.03 -119.87
N LYS A 10 58.94 31.06 -120.34
CA LYS A 10 58.45 30.09 -121.30
C LYS A 10 59.31 30.08 -122.56
N ARG A 11 59.29 28.93 -123.25
CA ARG A 11 60.05 28.65 -124.48
C ARG A 11 60.43 29.88 -125.27
N GLY A 12 59.52 30.79 -125.54
CA GLY A 12 60.01 31.89 -126.33
C GLY A 12 59.50 33.25 -125.94
N GLN A 13 59.02 33.38 -124.72
CA GLN A 13 58.47 34.65 -124.32
C GLN A 13 59.41 35.48 -123.46
N LEU A 14 60.69 35.15 -123.36
CA LEU A 14 61.53 35.96 -122.47
C LEU A 14 61.53 37.41 -122.89
N GLN A 15 61.74 37.63 -124.19
CA GLN A 15 61.77 38.96 -124.77
C GLN A 15 60.48 39.72 -124.48
N ARG A 16 59.34 39.10 -124.73
CA ARG A 16 58.08 39.75 -124.49
C ARG A 16 57.89 40.05 -123.03
N ALA A 17 58.22 39.11 -122.18
CA ALA A 17 58.03 39.31 -120.75
C ALA A 17 58.86 40.47 -120.21
N GLN A 18 60.11 40.53 -120.66
CA GLN A 18 61.02 41.56 -120.19
C GLN A 18 60.47 42.92 -120.47
N GLU A 19 59.89 43.10 -121.67
CA GLU A 19 59.32 44.38 -122.10
C GLU A 19 58.22 44.77 -121.13
N HIS A 20 57.35 43.82 -120.80
CA HIS A 20 56.24 44.06 -119.87
C HIS A 20 56.74 44.55 -118.51
N LEU A 21 57.62 43.76 -117.90
CA LEU A 21 58.11 44.09 -116.58
C LEU A 21 58.85 45.41 -116.58
N GLU A 22 59.25 45.87 -117.77
CA GLU A 22 59.95 47.15 -117.88
C GLU A 22 58.95 48.27 -118.09
N ARG A 23 57.85 47.98 -118.80
CA ARG A 23 56.78 48.97 -118.96
C ARG A 23 56.21 49.20 -117.54
N GLN A 24 56.22 48.11 -116.78
CA GLN A 24 55.90 48.21 -115.36
C GLN A 24 57.27 48.66 -114.74
N ALA A 25 57.33 49.25 -113.56
CA ALA A 25 58.63 49.77 -113.08
C ALA A 25 59.80 48.75 -112.84
N VAL A 26 59.63 47.46 -113.08
CA VAL A 26 60.69 46.44 -112.79
C VAL A 26 61.96 46.48 -113.67
N ASN A 27 63.12 46.27 -113.04
CA ASN A 27 64.36 46.22 -113.79
C ASN A 27 64.65 44.78 -114.18
N CYS A 28 64.97 44.53 -115.45
CA CYS A 28 65.27 43.18 -115.91
C CYS A 28 66.73 43.05 -116.38
N LEU A 29 67.27 41.84 -116.30
CA LEU A 29 68.65 41.59 -116.69
C LEU A 29 68.83 40.22 -117.29
N ALA A 30 69.02 40.16 -118.59
CA ALA A 30 69.22 38.91 -119.30
C ALA A 30 70.54 38.96 -120.08
N PRO A 31 71.67 38.73 -119.38
CA PRO A 31 73.03 38.75 -119.93
C PRO A 31 73.20 37.81 -121.09
N MET A 32 74.10 38.23 -121.96
CA MET A 32 74.48 37.46 -123.11
C MET A 32 75.95 37.15 -122.90
N ILE A 33 76.41 36.07 -123.49
CA ILE A 33 77.81 35.69 -123.38
C ILE A 33 78.30 35.57 -124.77
N THR A 34 79.45 36.17 -125.07
CA THR A 34 80.06 36.06 -126.38
C THR A 34 81.02 34.87 -126.39
N LEU A 35 80.68 33.84 -127.13
CA LEU A 35 81.50 32.63 -127.16
C LEU A 35 81.86 32.27 -128.56
N GLU A 36 82.98 31.53 -128.69
CA GLU A 36 83.47 30.95 -129.95
C GLU A 36 83.01 29.47 -130.04
N LYS A 37 81.93 29.24 -130.76
CA LYS A 37 81.34 27.92 -130.90
C LYS A 37 81.41 27.49 -132.35
N ILE A 38 81.35 26.18 -132.61
CA ILE A 38 81.36 25.70 -134.00
C ILE A 38 79.96 25.80 -134.59
N VAL A 39 79.87 26.71 -135.57
CA VAL A 39 78.67 27.03 -136.30
C VAL A 39 78.40 26.03 -137.43
N ARG A 40 79.22 26.12 -138.49
CA ARG A 40 79.13 25.24 -139.67
C ARG A 40 80.55 24.83 -140.06
N GLY A 41 81.14 23.95 -139.28
CA GLY A 41 82.51 23.60 -139.54
C GLY A 41 83.43 24.77 -139.19
N LYS A 42 82.85 25.94 -138.93
CA LYS A 42 83.63 27.13 -138.64
C LYS A 42 83.53 27.50 -137.20
N ARG A 43 84.62 28.03 -136.66
CA ARG A 43 84.66 28.50 -135.28
C ARG A 43 84.17 29.94 -135.23
N THR A 44 82.88 30.16 -135.42
CA THR A 44 82.37 31.52 -135.45
C THR A 44 82.01 32.06 -134.09
N ALA A 45 82.48 33.26 -133.81
CA ALA A 45 82.14 33.91 -132.57
C ALA A 45 80.62 34.15 -132.56
N VAL A 46 80.00 33.94 -131.39
CA VAL A 46 78.56 34.08 -131.18
C VAL A 46 78.26 34.83 -129.92
N SER A 47 77.02 35.28 -129.82
CA SER A 47 76.51 35.90 -128.62
C SER A 47 75.25 35.15 -128.30
N GLU A 48 75.28 34.38 -127.21
CA GLU A 48 74.07 33.67 -126.81
C GLU A 48 73.73 34.07 -125.40
N PRO A 49 72.52 33.71 -124.93
CA PRO A 49 72.19 34.08 -123.55
C PRO A 49 73.09 33.36 -122.57
N LEU A 50 73.54 34.08 -121.54
CA LEU A 50 74.43 33.50 -120.57
C LEU A 50 73.78 32.28 -119.99
N PHE A 51 72.57 32.48 -119.51
CA PHE A 51 71.73 31.42 -118.97
C PHE A 51 70.40 31.49 -119.65
N PRO A 52 70.17 30.66 -120.68
CA PRO A 52 68.94 30.61 -121.48
C PRO A 52 67.70 31.37 -120.92
N ASN A 53 66.54 30.74 -120.86
CA ASN A 53 65.30 31.45 -120.51
C ASN A 53 65.24 32.12 -119.15
N TYR A 54 66.36 32.41 -118.50
CA TYR A 54 66.29 33.08 -117.19
C TYR A 54 66.31 34.59 -117.35
N LEU A 55 65.71 35.27 -116.38
CA LEU A 55 65.63 36.72 -116.34
C LEU A 55 65.64 37.22 -114.89
N PHE A 56 66.69 37.93 -114.50
CA PHE A 56 66.79 38.47 -113.16
C PHE A 56 65.83 39.64 -113.04
N VAL A 57 65.19 39.83 -111.90
CA VAL A 57 64.25 40.93 -111.74
C VAL A 57 64.44 41.63 -110.44
N GLU A 58 64.46 42.95 -110.51
CA GLU A 58 64.65 43.73 -109.33
C GLU A 58 63.40 44.51 -109.10
N PHE A 59 62.72 44.18 -108.01
CA PHE A 59 61.54 44.90 -107.59
C PHE A 59 61.37 44.70 -106.10
N ASP A 60 60.40 45.42 -105.52
CA ASP A 60 60.17 45.34 -104.06
C ASP A 60 58.89 44.52 -103.73
N PRO A 61 59.05 43.35 -103.06
CA PRO A 61 57.95 42.47 -102.67
C PRO A 61 56.74 43.24 -102.18
N GLU A 62 56.96 44.29 -101.40
CA GLU A 62 55.83 45.04 -100.89
C GLU A 62 55.14 45.83 -101.99
N VAL A 63 55.92 46.39 -102.91
CA VAL A 63 55.32 47.21 -103.95
C VAL A 63 54.68 46.37 -105.00
N ILE A 64 55.39 45.44 -105.62
CA ILE A 64 54.83 44.49 -106.62
C ILE A 64 55.21 43.09 -106.09
N HIS A 65 54.31 42.20 -105.72
CA HIS A 65 54.93 40.96 -105.20
C HIS A 65 54.75 39.80 -106.08
N THR A 66 55.59 38.81 -105.80
CA THR A 66 55.64 37.55 -106.51
C THR A 66 54.50 37.42 -107.47
N THR A 67 53.33 37.27 -106.84
CA THR A 67 52.03 37.10 -107.45
C THR A 67 51.91 37.73 -108.81
N THR A 68 52.01 39.06 -108.87
CA THR A 68 51.86 39.82 -110.10
C THR A 68 52.98 39.57 -111.14
N ILE A 69 54.25 39.52 -110.69
CA ILE A 69 55.35 39.29 -111.63
C ILE A 69 55.14 37.95 -112.38
N ASN A 70 54.54 36.96 -111.72
CA ASN A 70 54.24 35.68 -112.35
C ASN A 70 53.25 35.88 -113.51
N ALA A 71 52.18 36.63 -113.23
CA ALA A 71 51.14 36.91 -114.23
C ALA A 71 51.73 37.43 -115.51
N THR A 72 52.91 38.04 -115.38
CA THR A 72 53.56 38.58 -116.55
C THR A 72 53.60 37.49 -117.59
N ARG A 73 53.00 37.79 -118.73
CA ARG A 73 52.92 36.85 -119.84
C ARG A 73 54.32 36.42 -120.27
N GLY A 74 54.60 35.12 -120.10
CA GLY A 74 55.89 34.55 -120.44
C GLY A 74 56.64 34.03 -119.23
N VAL A 75 56.20 34.38 -118.05
CA VAL A 75 56.91 33.92 -116.91
C VAL A 75 56.34 32.61 -116.43
N SER A 76 57.17 31.58 -116.40
CA SER A 76 56.65 30.34 -115.88
C SER A 76 56.84 30.26 -114.35
N HIS A 77 57.96 30.73 -113.80
CA HIS A 77 58.11 30.64 -112.35
C HIS A 77 59.31 31.38 -111.79
N PHE A 78 59.32 31.47 -110.46
CA PHE A 78 60.42 32.05 -109.70
C PHE A 78 61.29 30.94 -109.17
N VAL A 79 62.58 31.19 -109.10
CA VAL A 79 63.43 30.19 -108.52
C VAL A 79 63.13 30.34 -107.00
N ARG A 80 63.29 29.30 -106.16
CA ARG A 80 62.95 29.43 -104.73
C ARG A 80 64.02 28.81 -103.78
N PHE A 81 64.36 29.53 -102.70
CA PHE A 81 65.30 28.98 -101.70
C PHE A 81 64.43 28.31 -100.65
N GLY A 82 63.93 29.11 -99.71
CA GLY A 82 62.96 28.51 -98.83
C GLY A 82 61.90 28.10 -99.84
N ALA A 83 61.65 26.83 -100.03
CA ALA A 83 60.71 26.43 -101.06
C ALA A 83 59.53 27.37 -101.16
N SER A 84 58.84 27.70 -100.07
CA SER A 84 57.76 28.67 -100.27
C SER A 84 58.30 29.96 -100.95
N PRO A 85 59.20 30.73 -100.29
CA PRO A 85 59.80 31.97 -100.80
C PRO A 85 60.39 31.87 -102.21
N ALA A 86 60.30 32.99 -102.92
CA ALA A 86 60.93 33.14 -104.19
C ALA A 86 62.35 33.56 -103.79
N ILE A 87 63.42 33.19 -104.51
CA ILE A 87 64.76 33.57 -104.04
C ILE A 87 65.22 34.92 -104.40
N VAL A 88 66.03 35.45 -103.48
CA VAL A 88 66.68 36.74 -103.59
C VAL A 88 68.17 36.56 -103.96
N PRO A 89 68.57 36.80 -105.25
CA PRO A 89 70.02 36.58 -105.31
C PRO A 89 70.75 37.62 -104.50
N SER A 90 71.85 37.22 -103.88
CA SER A 90 72.62 38.13 -103.06
C SER A 90 73.13 39.32 -103.88
N ALA A 91 73.21 40.50 -103.27
CA ALA A 91 73.72 41.66 -103.99
C ALA A 91 75.03 41.31 -104.67
N VAL A 92 75.83 40.45 -104.02
CA VAL A 92 77.13 40.07 -104.57
C VAL A 92 77.04 39.09 -105.75
N ILE A 93 76.05 38.20 -105.79
CA ILE A 93 75.94 37.30 -106.95
C ILE A 93 75.76 38.14 -108.22
N HIS A 94 75.02 39.23 -108.08
CA HIS A 94 74.74 40.14 -109.20
C HIS A 94 75.93 40.87 -109.66
N GLN A 95 76.71 41.36 -108.71
CA GLN A 95 77.92 42.10 -109.03
C GLN A 95 78.78 41.34 -110.02
N LEU A 96 79.16 40.14 -109.66
CA LEU A 96 80.03 39.30 -110.48
C LEU A 96 79.51 39.04 -111.90
N SER A 97 78.23 39.20 -112.13
CA SER A 97 77.64 38.95 -113.43
C SER A 97 78.02 40.02 -114.46
N VAL A 98 78.07 41.25 -113.96
CA VAL A 98 78.24 42.38 -114.81
C VAL A 98 79.64 42.82 -115.13
N TYR A 99 80.26 43.61 -114.27
CA TYR A 99 81.57 44.18 -114.52
C TYR A 99 82.68 43.17 -114.79
N LYS A 100 82.82 42.17 -113.93
CA LYS A 100 83.84 41.12 -114.11
C LYS A 100 83.59 40.20 -115.33
N LYS A 115 82.99 36.09 -96.24
CA LYS A 115 84.14 36.39 -97.14
C LYS A 115 84.83 35.12 -97.65
N VAL A 116 85.30 34.28 -96.74
CA VAL A 116 86.01 33.08 -97.18
C VAL A 116 85.10 32.07 -97.89
N ILE A 117 83.78 32.20 -97.75
CA ILE A 117 82.89 31.27 -98.43
C ILE A 117 82.02 31.99 -99.45
N ILE A 118 81.81 33.29 -99.24
CA ILE A 118 81.01 34.03 -100.19
C ILE A 118 81.84 34.35 -101.38
N THR A 119 83.07 34.67 -101.09
CA THR A 119 83.97 34.98 -102.13
C THR A 119 84.34 33.74 -102.88
N GLU A 120 84.71 32.69 -102.17
CA GLU A 120 85.10 31.46 -102.83
C GLU A 120 83.93 30.76 -103.54
N GLY A 121 82.71 31.12 -103.19
CA GLY A 121 81.60 30.49 -103.86
C GLY A 121 81.29 31.23 -105.12
N ALA A 122 81.17 32.53 -104.96
CA ALA A 122 80.89 33.40 -106.07
C ALA A 122 82.04 33.34 -107.11
N PHE A 123 83.25 33.66 -106.63
CA PHE A 123 84.48 33.65 -107.42
C PHE A 123 84.47 32.51 -108.36
N GLU A 124 84.93 31.37 -107.85
CA GLU A 124 85.07 30.09 -108.59
C GLU A 124 83.79 29.71 -109.32
N GLY A 125 82.66 30.05 -108.72
CA GLY A 125 81.41 29.72 -109.33
C GLY A 125 81.29 30.34 -110.69
N PHE A 126 81.50 31.64 -110.77
CA PHE A 126 81.36 32.33 -112.05
C PHE A 126 82.47 32.04 -113.03
N GLN A 127 83.67 31.70 -112.55
CA GLN A 127 84.71 31.35 -113.51
C GLN A 127 84.24 30.14 -114.32
N ALA A 128 83.60 29.22 -113.61
CA ALA A 128 83.10 28.02 -114.23
C ALA A 128 81.92 28.35 -115.16
N ILE A 129 81.04 29.25 -114.73
CA ILE A 129 79.90 29.57 -115.56
C ILE A 129 80.37 30.25 -116.87
N PHE A 130 81.41 31.04 -116.73
CA PHE A 130 81.99 31.78 -117.85
C PHE A 130 82.87 30.91 -118.75
N THR A 131 83.05 29.66 -118.38
CA THR A 131 83.89 28.81 -119.16
C THR A 131 83.08 27.73 -119.79
N GLU A 132 81.82 27.66 -119.37
CA GLU A 132 80.94 26.62 -119.83
C GLU A 132 80.33 26.91 -121.16
N PRO A 133 80.68 26.12 -122.17
CA PRO A 133 80.21 26.20 -123.56
C PRO A 133 78.67 26.38 -123.68
N ASP A 134 77.82 25.51 -123.10
CA ASP A 134 76.37 25.79 -123.26
C ASP A 134 75.78 26.34 -121.98
N GLY A 135 74.80 27.22 -122.16
CA GLY A 135 74.13 27.89 -121.06
C GLY A 135 73.33 27.00 -120.15
N GLU A 136 72.58 26.05 -120.71
CA GLU A 136 71.76 25.15 -119.90
C GLU A 136 72.57 24.57 -118.77
N ALA A 137 73.84 24.28 -119.06
CA ALA A 137 74.75 23.76 -118.05
C ALA A 137 75.07 24.88 -117.03
N ARG A 138 75.19 26.11 -117.54
CA ARG A 138 75.49 27.27 -116.72
C ARG A 138 74.37 27.53 -115.74
N SER A 139 73.14 27.42 -116.25
CA SER A 139 71.94 27.61 -115.45
C SER A 139 72.06 26.79 -114.17
N MET A 140 72.32 25.48 -114.34
CA MET A 140 72.50 24.60 -113.21
C MET A 140 73.54 25.17 -112.27
N LEU A 141 74.73 25.43 -112.82
CA LEU A 141 75.85 25.99 -112.06
C LEU A 141 75.49 27.30 -111.38
N LEU A 142 74.59 28.09 -111.98
CA LEU A 142 74.17 29.35 -111.38
C LEU A 142 73.26 29.07 -110.20
N LEU A 143 72.27 28.19 -110.45
CA LEU A 143 71.33 27.78 -109.42
C LEU A 143 72.09 27.18 -108.24
N ASN A 144 72.95 26.19 -108.49
CA ASN A 144 73.73 25.62 -107.41
C ASN A 144 74.48 26.72 -106.68
N LEU A 145 75.09 27.64 -107.41
CA LEU A 145 75.85 28.73 -106.79
C LEU A 145 74.98 29.62 -105.98
N ILE A 146 73.75 29.80 -106.43
CA ILE A 146 72.88 30.70 -105.71
C ILE A 146 72.43 30.06 -104.41
N ASN A 147 72.05 28.78 -104.51
CA ASN A 147 71.61 28.03 -103.35
C ASN A 147 72.72 28.05 -102.33
N LYS A 148 73.96 27.80 -102.79
CA LYS A 148 75.13 27.85 -101.94
C LYS A 148 75.21 29.21 -101.26
N GLU A 149 75.37 30.26 -102.05
CA GLU A 149 75.49 31.58 -101.45
C GLU A 149 74.37 31.93 -100.44
N ILE A 150 73.11 31.61 -100.73
CA ILE A 150 72.07 31.97 -99.80
C ILE A 150 72.28 31.31 -98.46
N LYS A 151 72.56 30.00 -98.45
CA LYS A 151 72.81 29.27 -97.19
C LYS A 151 73.90 29.96 -96.38
N HIS A 152 74.99 30.36 -97.04
CA HIS A 152 76.02 31.05 -96.32
C HIS A 152 75.50 32.34 -95.71
N SER A 153 74.68 33.10 -96.43
CA SER A 153 74.14 34.33 -95.84
C SER A 153 73.42 34.02 -94.52
N VAL A 154 72.65 32.94 -94.48
CA VAL A 154 71.88 32.59 -93.28
C VAL A 154 72.76 32.02 -92.19
N LYS A 155 73.34 30.86 -92.45
CA LYS A 155 74.18 30.22 -91.46
C LYS A 155 75.31 31.16 -90.99
N ASN A 156 75.76 32.06 -91.86
CA ASN A 156 76.82 33.03 -91.53
C ASN A 156 76.31 34.44 -91.75
N GLN B 2 29.88 45.41 -111.68
CA GLN B 2 29.48 46.25 -110.53
C GLN B 2 30.68 46.52 -109.64
N SER B 3 30.73 47.74 -109.08
CA SER B 3 31.81 48.12 -108.22
C SER B 3 31.33 49.11 -107.21
N TRP B 4 32.14 49.28 -106.18
CA TRP B 4 31.77 50.13 -105.10
C TRP B 4 32.16 51.57 -105.27
N TYR B 5 31.46 52.43 -104.56
CA TYR B 5 31.77 53.83 -104.66
C TYR B 5 31.39 54.53 -103.41
N LEU B 6 32.06 55.64 -103.14
CA LEU B 6 31.80 56.38 -101.93
C LEU B 6 31.11 57.69 -102.19
N LEU B 7 29.95 57.88 -101.60
CA LEU B 7 29.24 59.14 -101.79
C LEU B 7 29.18 59.91 -100.51
N TYR B 8 29.39 61.20 -100.60
CA TYR B 8 29.26 62.00 -99.43
C TYR B 8 27.90 62.61 -99.55
N CYS B 9 27.15 62.60 -98.46
CA CYS B 9 25.82 63.18 -98.48
C CYS B 9 25.75 64.50 -97.74
N LYS B 10 24.75 65.28 -98.06
CA LYS B 10 24.58 66.56 -97.42
C LYS B 10 24.22 66.36 -95.93
N ARG B 11 24.44 67.41 -95.14
CA ARG B 11 24.24 67.40 -93.69
C ARG B 11 23.17 66.48 -93.15
N GLY B 12 22.02 66.27 -93.81
CA GLY B 12 21.07 65.38 -93.16
C GLY B 12 20.25 64.50 -94.07
N GLN B 13 20.72 64.28 -95.28
CA GLN B 13 19.93 63.52 -96.20
C GLN B 13 20.47 62.14 -96.47
N LEU B 14 21.44 61.68 -95.70
CA LEU B 14 21.97 60.34 -95.96
C LEU B 14 20.86 59.27 -95.93
N GLN B 15 20.10 59.22 -94.83
CA GLN B 15 19.02 58.26 -94.65
C GLN B 15 18.09 58.26 -95.88
N ARG B 16 17.58 59.43 -96.23
CA ARG B 16 16.67 59.59 -97.36
C ARG B 16 17.31 59.14 -98.67
N ALA B 17 18.52 59.62 -98.93
CA ALA B 17 19.22 59.26 -100.16
C ALA B 17 19.44 57.76 -100.27
N GLN B 18 19.78 57.12 -99.16
CA GLN B 18 20.01 55.66 -99.14
C GLN B 18 18.71 54.90 -99.52
N GLU B 19 17.57 55.40 -99.01
CA GLU B 19 16.29 54.78 -99.30
C GLU B 19 16.04 54.82 -100.80
N HIS B 20 16.29 55.98 -101.39
CA HIS B 20 16.15 56.17 -102.83
C HIS B 20 16.96 55.14 -103.65
N LEU B 21 18.27 55.20 -103.49
CA LEU B 21 19.22 54.32 -104.19
C LEU B 21 18.91 52.85 -103.99
N GLU B 22 18.13 52.54 -102.98
CA GLU B 22 17.74 51.17 -102.76
C GLU B 22 16.45 50.88 -103.49
N ARG B 23 15.54 51.86 -103.49
CA ARG B 23 14.27 51.76 -104.25
C ARG B 23 14.69 51.56 -105.70
N GLN B 24 15.72 52.30 -106.09
CA GLN B 24 16.39 52.10 -107.38
C GLN B 24 17.27 50.86 -107.08
N ALA B 25 17.63 50.02 -108.05
CA ALA B 25 18.40 48.79 -107.79
C ALA B 25 19.75 48.87 -107.01
N VAL B 26 20.28 50.05 -106.67
CA VAL B 26 21.60 50.17 -106.00
C VAL B 26 21.70 49.68 -104.50
N ASN B 27 22.84 49.06 -104.21
CA ASN B 27 23.13 48.56 -102.86
C ASN B 27 23.86 49.61 -102.07
N CYS B 28 23.34 50.03 -100.92
CA CYS B 28 24.02 51.04 -100.10
C CYS B 28 24.64 50.42 -98.90
N LEU B 29 25.63 51.08 -98.29
CA LEU B 29 26.25 50.55 -97.07
C LEU B 29 26.75 51.68 -96.19
N ALA B 30 26.05 51.93 -95.10
CA ALA B 30 26.45 52.97 -94.15
C ALA B 30 26.66 52.34 -92.77
N PRO B 31 27.85 51.81 -92.52
CA PRO B 31 28.23 51.15 -91.26
C PRO B 31 28.05 52.06 -90.06
N MET B 32 27.80 51.43 -88.92
CA MET B 32 27.71 52.10 -87.67
C MET B 32 28.83 51.52 -86.83
N ILE B 33 29.29 52.22 -85.81
CA ILE B 33 30.35 51.68 -84.98
C ILE B 33 29.87 51.81 -83.58
N THR B 34 30.04 50.79 -82.76
CA THR B 34 29.63 50.98 -81.40
C THR B 34 30.85 51.37 -80.57
N LEU B 35 30.75 52.52 -79.93
CA LEU B 35 31.83 53.08 -79.13
C LEU B 35 31.36 53.53 -77.78
N GLU B 36 32.30 53.49 -76.84
CA GLU B 36 32.05 53.94 -75.50
C GLU B 36 32.51 55.37 -75.42
N LYS B 37 31.57 56.30 -75.50
CA LYS B 37 31.91 57.72 -75.45
C LYS B 37 31.35 58.36 -74.19
N ILE B 38 31.92 59.49 -73.80
CA ILE B 38 31.38 60.17 -72.66
C ILE B 38 30.23 61.06 -73.12
N VAL B 39 29.03 60.68 -72.67
CA VAL B 39 27.74 61.34 -72.96
C VAL B 39 27.45 62.46 -71.97
N ARG B 40 27.21 62.12 -70.72
CA ARG B 40 26.97 63.12 -69.68
C ARG B 40 27.74 62.72 -68.44
N GLY B 41 29.05 62.97 -68.46
CA GLY B 41 29.87 62.57 -67.34
C GLY B 41 29.90 61.05 -67.25
N LYS B 42 29.08 60.42 -68.10
CA LYS B 42 29.00 58.97 -68.15
C LYS B 42 29.61 58.42 -69.43
N ARG B 43 30.21 57.23 -69.28
CA ARG B 43 30.81 56.51 -70.38
C ARG B 43 29.73 55.60 -70.97
N THR B 44 28.76 56.18 -71.65
CA THR B 44 27.69 55.36 -72.20
C THR B 44 28.02 54.80 -73.56
N ALA B 45 27.81 53.51 -73.74
CA ALA B 45 28.13 52.98 -75.03
C ALA B 45 27.15 53.55 -76.03
N VAL B 46 27.66 53.77 -77.24
CA VAL B 46 26.95 54.41 -78.35
C VAL B 46 27.20 53.71 -79.68
N SER B 47 26.29 53.94 -80.60
CA SER B 47 26.45 53.47 -81.95
C SER B 47 26.31 54.70 -82.81
N GLU B 48 27.40 55.04 -83.47
CA GLU B 48 27.41 56.20 -84.31
C GLU B 48 27.86 55.76 -85.65
N PRO B 49 27.72 56.62 -86.66
CA PRO B 49 28.17 56.18 -87.97
C PRO B 49 29.71 56.05 -88.04
N LEU B 50 30.18 55.00 -88.70
CA LEU B 50 31.59 54.78 -88.82
C LEU B 50 32.22 56.02 -89.39
N PHE B 51 31.84 56.35 -90.62
CA PHE B 51 32.32 57.52 -91.31
C PHE B 51 31.14 58.37 -91.58
N PRO B 52 30.78 59.31 -90.69
CA PRO B 52 29.65 60.24 -90.77
C PRO B 52 28.87 60.21 -92.09
N ASN B 53 28.68 61.32 -92.77
CA ASN B 53 27.84 61.36 -94.00
C ASN B 53 28.28 60.52 -95.25
N TYR B 54 29.16 59.52 -95.10
CA TYR B 54 29.50 58.73 -96.27
C TYR B 54 28.61 57.50 -96.44
N LEU B 55 28.48 57.10 -97.71
CA LEU B 55 27.66 55.95 -98.13
C LEU B 55 28.29 55.20 -99.31
N PHE B 56 28.70 53.96 -99.08
CA PHE B 56 29.28 53.13 -100.11
C PHE B 56 28.22 52.69 -101.00
N VAL B 57 28.45 52.66 -102.30
CA VAL B 57 27.41 52.25 -103.19
C VAL B 57 27.89 51.31 -104.27
N GLU B 58 27.11 50.27 -104.49
CA GLU B 58 27.50 49.31 -105.50
C GLU B 58 26.53 49.31 -106.63
N PHE B 59 27.04 49.66 -107.81
CA PHE B 59 26.24 49.67 -109.02
C PHE B 59 27.19 49.52 -110.16
N ASP B 60 26.66 49.42 -111.36
CA ASP B 60 27.50 49.28 -112.52
C ASP B 60 27.42 50.52 -113.35
N PRO B 61 28.57 51.16 -113.62
CA PRO B 61 28.80 52.39 -114.39
C PRO B 61 27.97 52.47 -115.66
N GLU B 62 27.91 51.34 -116.38
CA GLU B 62 27.20 51.21 -117.66
C GLU B 62 25.69 51.20 -117.50
N VAL B 63 25.21 50.64 -116.38
CA VAL B 63 23.79 50.53 -116.12
C VAL B 63 23.19 51.74 -115.39
N ILE B 64 23.97 52.38 -114.53
CA ILE B 64 23.53 53.57 -113.81
C ILE B 64 24.78 54.42 -113.57
N HIS B 65 25.16 55.30 -114.47
CA HIS B 65 26.40 56.00 -114.19
C HIS B 65 26.27 57.11 -113.18
N THR B 66 27.46 57.53 -112.74
CA THR B 66 27.69 58.59 -111.78
C THR B 66 26.61 59.66 -111.80
N THR B 67 26.42 60.23 -112.98
CA THR B 67 25.46 61.29 -113.24
C THR B 67 24.13 61.12 -112.51
N THR B 68 23.51 59.95 -112.68
CA THR B 68 22.22 59.65 -112.05
C THR B 68 22.28 59.62 -110.52
N ILE B 69 23.24 58.85 -110.03
CA ILE B 69 23.43 58.67 -108.60
C ILE B 69 23.56 59.99 -107.89
N ASN B 70 24.17 60.96 -108.54
CA ASN B 70 24.33 62.29 -107.95
C ASN B 70 22.95 62.96 -107.76
N ALA B 71 22.10 62.82 -108.79
CA ALA B 71 20.73 63.38 -108.81
C ALA B 71 19.96 62.89 -107.60
N THR B 72 20.42 61.76 -107.08
CA THR B 72 19.81 61.20 -105.92
C THR B 72 19.80 62.26 -104.85
N ARG B 73 18.58 62.68 -104.48
CA ARG B 73 18.44 63.72 -103.49
C ARG B 73 19.20 63.37 -102.22
N GLY B 74 20.21 64.19 -101.92
CA GLY B 74 21.01 63.98 -100.72
C GLY B 74 22.47 63.72 -101.03
N VAL B 75 22.74 63.34 -102.27
CA VAL B 75 24.10 63.07 -102.59
C VAL B 75 24.81 64.34 -102.95
N SER B 76 25.85 64.71 -102.20
CA SER B 76 26.60 65.90 -102.57
C SER B 76 27.67 65.54 -103.58
N HIS B 77 28.41 64.46 -103.34
CA HIS B 77 29.43 64.11 -104.32
C HIS B 77 29.97 62.73 -104.17
N PHE B 78 30.72 62.34 -105.23
CA PHE B 78 31.45 61.08 -105.28
C PHE B 78 32.86 61.34 -104.86
N VAL B 79 33.53 60.36 -104.32
CA VAL B 79 34.92 60.53 -103.98
C VAL B 79 35.66 60.28 -105.30
N ARG B 80 36.78 60.95 -105.61
CA ARG B 80 37.43 60.66 -106.92
C ARG B 80 38.93 60.38 -106.79
N PHE B 81 39.41 59.39 -107.55
CA PHE B 81 40.84 59.12 -107.55
C PHE B 81 41.38 59.85 -108.77
N GLY B 82 41.27 59.21 -109.92
CA GLY B 82 41.60 59.98 -111.08
C GLY B 82 40.62 61.13 -110.93
N ALA B 83 41.09 62.34 -110.64
CA ALA B 83 40.17 63.48 -110.42
C ALA B 83 38.91 63.36 -111.24
N SER B 84 39.01 63.22 -112.57
CA SER B 84 37.77 63.07 -113.30
C SER B 84 36.97 61.92 -112.71
N PRO B 85 37.48 60.67 -112.83
CA PRO B 85 36.84 59.43 -112.35
C PRO B 85 36.38 59.45 -110.89
N ALA B 86 35.22 58.85 -110.70
CA ALA B 86 34.72 58.65 -109.36
C ALA B 86 35.53 57.44 -108.89
N ILE B 87 35.87 57.33 -107.63
CA ILE B 87 36.65 56.16 -107.29
C ILE B 87 35.84 54.98 -106.96
N VAL B 88 36.51 53.87 -107.22
CA VAL B 88 36.03 52.52 -106.96
C VAL B 88 36.76 51.94 -105.70
N PRO B 89 36.06 51.79 -104.53
CA PRO B 89 36.91 51.22 -103.48
C PRO B 89 37.22 49.77 -103.79
N SER B 90 38.45 49.38 -103.51
CA SER B 90 38.87 48.03 -103.82
C SER B 90 38.01 46.99 -103.13
N ALA B 91 37.78 45.84 -103.79
CA ALA B 91 36.98 44.73 -103.22
C ALA B 91 37.45 44.42 -101.83
N VAL B 92 38.76 44.55 -101.60
CA VAL B 92 39.40 44.32 -100.33
C VAL B 92 39.11 45.40 -99.28
N ILE B 93 38.92 46.64 -99.70
CA ILE B 93 38.64 47.66 -98.69
C ILE B 93 37.34 47.33 -98.08
N HIS B 94 36.43 46.91 -98.93
CA HIS B 94 35.09 46.56 -98.48
C HIS B 94 35.03 45.43 -97.55
N GLN B 95 35.78 44.40 -97.85
CA GLN B 95 35.86 43.20 -97.00
C GLN B 95 36.19 43.58 -95.55
N LEU B 96 37.34 44.20 -95.33
CA LEU B 96 37.76 44.60 -94.01
C LEU B 96 36.74 45.42 -93.25
N SER B 97 35.77 46.01 -93.93
CA SER B 97 34.74 46.85 -93.30
C SER B 97 33.69 45.98 -92.54
N VAL B 98 33.35 44.92 -93.26
CA VAL B 98 32.34 43.90 -92.95
C VAL B 98 32.58 43.02 -91.71
N TYR B 99 33.19 41.87 -91.98
CA TYR B 99 33.38 40.84 -90.97
C TYR B 99 34.40 41.16 -89.91
N LYS B 100 35.49 41.81 -90.31
CA LYS B 100 36.54 42.13 -89.37
C LYS B 100 36.02 43.09 -88.27
N LYS B 115 49.24 42.86 -102.65
CA LYS B 115 49.16 42.14 -101.40
C LYS B 115 50.03 42.72 -100.34
N VAL B 116 51.33 42.83 -100.54
CA VAL B 116 52.18 43.36 -99.50
C VAL B 116 51.98 44.89 -99.28
N ILE B 117 51.29 45.56 -100.20
CA ILE B 117 50.93 46.99 -100.04
C ILE B 117 49.40 47.06 -99.95
N ILE B 118 48.80 45.94 -100.36
CA ILE B 118 47.36 45.70 -100.34
C ILE B 118 46.94 45.45 -98.91
N THR B 119 47.57 44.43 -98.36
CA THR B 119 47.35 43.94 -97.01
C THR B 119 47.79 44.95 -95.95
N GLU B 120 49.03 45.40 -96.00
CA GLU B 120 49.53 46.33 -94.99
C GLU B 120 48.85 47.67 -95.03
N GLY B 121 48.06 47.92 -96.05
CA GLY B 121 47.39 49.18 -96.12
C GLY B 121 46.02 49.04 -95.52
N ALA B 122 45.27 48.08 -96.03
CA ALA B 122 43.93 47.79 -95.55
C ALA B 122 44.00 47.41 -94.07
N PHE B 123 44.86 46.44 -93.76
CA PHE B 123 45.08 45.94 -92.40
C PHE B 123 45.20 47.07 -91.42
N GLU B 124 46.43 47.57 -91.33
CA GLU B 124 46.79 48.65 -90.42
C GLU B 124 45.84 49.82 -90.54
N GLY B 125 45.37 50.08 -91.76
CA GLY B 125 44.48 51.19 -91.96
C GLY B 125 43.22 51.09 -91.14
N PHE B 126 42.53 49.96 -91.23
CA PHE B 126 41.29 49.80 -90.51
C PHE B 126 41.47 49.67 -89.02
N GLN B 127 42.61 49.13 -88.60
CA GLN B 127 42.88 49.02 -87.16
C GLN B 127 42.78 50.43 -86.56
N ALA B 128 43.41 51.41 -87.24
CA ALA B 128 43.42 52.81 -86.80
C ALA B 128 42.04 53.42 -86.91
N ILE B 129 41.29 53.06 -87.95
CA ILE B 129 39.93 53.58 -88.13
C ILE B 129 39.02 53.06 -86.99
N PHE B 130 39.15 51.77 -86.68
CA PHE B 130 38.35 51.17 -85.62
C PHE B 130 38.81 51.58 -84.24
N THR B 131 39.86 52.38 -84.14
CA THR B 131 40.32 52.79 -82.82
C THR B 131 40.06 54.26 -82.62
N GLU B 132 39.73 54.92 -83.72
CA GLU B 132 39.51 56.36 -83.71
C GLU B 132 38.19 56.76 -83.11
N PRO B 133 38.23 57.46 -81.99
CA PRO B 133 37.08 57.97 -81.24
C PRO B 133 36.01 58.64 -82.13
N ASP B 134 36.37 59.66 -82.92
CA ASP B 134 35.34 60.31 -83.73
C ASP B 134 35.47 60.01 -85.19
N GLY B 135 34.31 59.94 -85.81
CA GLY B 135 34.25 59.55 -87.19
C GLY B 135 34.92 60.48 -88.15
N GLU B 136 34.67 61.77 -87.98
CA GLU B 136 35.23 62.72 -88.89
C GLU B 136 36.72 62.43 -89.12
N ALA B 137 37.43 62.01 -88.08
CA ALA B 137 38.85 61.70 -88.21
C ALA B 137 39.03 60.36 -88.92
N ARG B 138 38.04 59.50 -88.78
CA ARG B 138 38.03 58.20 -89.44
C ARG B 138 37.80 58.36 -90.94
N SER B 139 36.93 59.30 -91.32
CA SER B 139 36.67 59.55 -92.73
C SER B 139 37.98 59.92 -93.46
N MET B 140 38.76 60.83 -92.87
CA MET B 140 40.02 61.17 -93.47
C MET B 140 40.85 59.91 -93.62
N LEU B 141 40.99 59.18 -92.53
CA LEU B 141 41.76 57.94 -92.57
C LEU B 141 41.25 57.01 -93.67
N LEU B 142 39.93 56.97 -93.85
CA LEU B 142 39.34 56.10 -94.86
C LEU B 142 39.78 56.58 -96.22
N LEU B 143 39.63 57.87 -96.45
CA LEU B 143 39.99 58.48 -97.72
C LEU B 143 41.45 58.23 -98.06
N ASN B 144 42.33 58.52 -97.12
CA ASN B 144 43.74 58.31 -97.37
C ASN B 144 44.00 56.86 -97.71
N LEU B 145 43.38 55.93 -96.97
CA LEU B 145 43.54 54.48 -97.15
C LEU B 145 42.98 54.01 -98.51
N ILE B 146 41.91 54.64 -98.94
CA ILE B 146 41.34 54.32 -100.25
C ILE B 146 42.23 54.87 -101.35
N ASN B 147 42.69 56.11 -101.16
CA ASN B 147 43.59 56.69 -102.12
C ASN B 147 44.78 55.77 -102.26
N LYS B 148 45.39 55.45 -101.13
CA LYS B 148 46.55 54.57 -101.21
C LYS B 148 46.23 53.32 -101.96
N GLU B 149 45.27 52.56 -101.45
CA GLU B 149 44.88 51.27 -102.04
C GLU B 149 44.68 51.32 -103.55
N ILE B 150 44.02 52.36 -104.06
CA ILE B 150 43.83 52.42 -105.49
C ILE B 150 45.15 52.58 -106.20
N LYS B 151 46.00 53.49 -105.72
CA LYS B 151 47.26 53.65 -106.40
C LYS B 151 47.94 52.30 -106.50
N HIS B 152 47.83 51.54 -105.42
CA HIS B 152 48.41 50.20 -105.37
C HIS B 152 47.82 49.32 -106.44
N SER B 153 46.53 49.45 -106.72
CA SER B 153 45.97 48.58 -107.74
C SER B 153 46.54 48.91 -109.12
N VAL B 154 46.63 50.19 -109.41
CA VAL B 154 47.16 50.65 -110.69
C VAL B 154 48.65 50.28 -110.87
N LYS B 155 49.54 50.99 -110.15
CA LYS B 155 50.99 50.79 -110.22
C LYS B 155 51.41 49.33 -110.07
N ASN B 156 50.51 48.51 -109.51
CA ASN B 156 50.75 47.08 -109.26
C ASN B 156 49.55 46.23 -109.68
N GLN C 2 -64.08 -43.42 103.58
CA GLN C 2 -63.99 -44.79 104.14
C GLN C 2 -64.78 -45.76 103.33
N SER C 3 -64.21 -46.94 103.14
CA SER C 3 -64.91 -47.97 102.41
C SER C 3 -64.59 -49.31 103.00
N TRP C 4 -65.39 -50.28 102.62
CA TRP C 4 -65.22 -51.60 103.14
C TRP C 4 -64.25 -52.42 102.33
N TYR C 5 -63.67 -53.43 102.95
CA TYR C 5 -62.69 -54.27 102.30
C TYR C 5 -62.86 -55.67 102.79
N LEU C 6 -62.36 -56.65 102.05
CA LEU C 6 -62.45 -58.02 102.47
C LEU C 6 -61.04 -58.61 102.68
N LEU C 7 -60.75 -59.03 103.91
CA LEU C 7 -59.47 -59.64 104.19
C LEU C 7 -59.69 -61.09 104.37
N TYR C 8 -58.64 -61.85 104.14
CA TYR C 8 -58.68 -63.25 104.38
C TYR C 8 -57.65 -63.44 105.43
N CYS C 9 -57.92 -64.22 106.46
CA CYS C 9 -56.93 -64.39 107.52
C CYS C 9 -56.36 -65.81 107.56
N LYS C 10 -55.13 -65.90 108.03
CA LYS C 10 -54.50 -67.19 108.10
C LYS C 10 -55.28 -68.10 108.96
N ARG C 11 -55.00 -69.41 108.81
CA ARG C 11 -55.66 -70.53 109.52
C ARG C 11 -56.29 -70.16 110.87
N GLY C 12 -55.58 -69.56 111.81
CA GLY C 12 -56.28 -69.33 113.06
C GLY C 12 -56.12 -67.98 113.66
N GLN C 13 -55.73 -67.00 112.86
CA GLN C 13 -55.44 -65.66 113.39
C GLN C 13 -56.52 -64.61 113.16
N LEU C 14 -57.69 -64.98 112.66
CA LEU C 14 -58.72 -63.97 112.41
C LEU C 14 -59.09 -63.21 113.66
N GLN C 15 -59.33 -63.93 114.78
CA GLN C 15 -59.70 -63.32 116.06
C GLN C 15 -58.62 -62.37 116.54
N ARG C 16 -57.37 -62.81 116.55
CA ARG C 16 -56.25 -61.95 116.94
C ARG C 16 -56.16 -60.72 115.98
N ALA C 17 -56.21 -60.95 114.69
CA ALA C 17 -56.10 -59.84 113.75
C ALA C 17 -57.22 -58.81 113.94
N GLN C 18 -58.43 -59.28 114.16
CA GLN C 18 -59.56 -58.38 114.34
C GLN C 18 -59.33 -57.45 115.53
N GLU C 19 -58.82 -58.00 116.63
CA GLU C 19 -58.59 -57.20 117.84
C GLU C 19 -57.59 -56.12 117.53
N HIS C 20 -56.61 -56.44 116.70
CA HIS C 20 -55.60 -55.45 116.37
C HIS C 20 -56.19 -54.30 115.56
N LEU C 21 -56.87 -54.65 114.49
CA LEU C 21 -57.45 -53.65 113.61
C LEU C 21 -58.45 -52.78 114.37
N GLU C 22 -58.88 -53.24 115.54
CA GLU C 22 -59.82 -52.47 116.33
C GLU C 22 -59.08 -51.63 117.36
N ARG C 23 -57.95 -52.12 117.89
CA ARG C 23 -57.13 -51.27 118.78
C ARG C 23 -56.63 -50.12 117.89
N GLN C 24 -56.30 -50.40 116.63
CA GLN C 24 -56.04 -49.33 115.66
C GLN C 24 -57.47 -48.83 115.25
N ALA C 25 -57.66 -47.68 114.62
CA ALA C 25 -59.03 -47.20 114.37
C ALA C 25 -59.96 -47.96 113.40
N VAL C 26 -59.56 -49.12 112.88
CA VAL C 26 -60.38 -49.79 111.87
C VAL C 26 -61.61 -50.58 112.41
N ASN C 27 -62.66 -50.60 111.60
CA ASN C 27 -63.85 -51.34 112.01
C ASN C 27 -63.94 -52.69 111.32
N CYS C 28 -64.04 -53.76 112.10
CA CYS C 28 -64.08 -55.10 111.54
C CYS C 28 -65.45 -55.76 111.65
N LEU C 29 -65.70 -56.74 110.80
CA LEU C 29 -67.00 -57.40 110.80
C LEU C 29 -66.90 -58.84 110.31
N ALA C 30 -66.93 -59.79 111.24
CA ALA C 30 -66.89 -61.21 110.91
C ALA C 30 -68.20 -61.83 111.38
N PRO C 31 -69.21 -61.84 110.54
CA PRO C 31 -70.54 -62.38 110.83
C PRO C 31 -70.51 -63.87 111.16
N MET C 32 -71.48 -64.28 111.96
CA MET C 32 -71.64 -65.67 112.30
C MET C 32 -73.04 -66.03 111.81
N ILE C 33 -73.24 -67.30 111.53
CA ILE C 33 -74.53 -67.74 111.06
C ILE C 33 -74.96 -68.84 111.95
N THR C 34 -76.21 -68.83 112.31
CA THR C 34 -76.74 -69.84 113.18
C THR C 34 -77.45 -70.90 112.34
N LEU C 35 -76.93 -72.11 112.33
CA LEU C 35 -77.53 -73.11 111.47
C LEU C 35 -77.67 -74.38 112.17
N GLU C 36 -78.60 -75.18 111.63
CA GLU C 36 -78.96 -76.50 112.09
C GLU C 36 -78.12 -77.50 111.36
N LYS C 37 -77.06 -77.98 112.00
CA LYS C 37 -76.14 -78.91 111.36
C LYS C 37 -76.10 -80.21 112.12
N ILE C 38 -75.68 -81.30 111.46
CA ILE C 38 -75.61 -82.57 112.16
C ILE C 38 -74.27 -82.64 112.91
N VAL C 39 -74.37 -82.60 114.23
CA VAL C 39 -73.21 -82.63 115.10
C VAL C 39 -72.80 -84.07 115.36
N ARG C 40 -73.57 -84.78 116.18
CA ARG C 40 -73.30 -86.20 116.49
C ARG C 40 -74.60 -86.98 116.37
N GLY C 41 -75.00 -87.21 115.12
CA GLY C 41 -76.25 -87.89 114.85
C GLY C 41 -77.43 -86.98 115.16
N LYS C 42 -77.16 -85.92 115.93
CA LYS C 42 -78.19 -84.97 116.32
C LYS C 42 -78.19 -83.75 115.40
N ARG C 43 -79.35 -83.13 115.30
CA ARG C 43 -79.47 -81.92 114.51
C ARG C 43 -79.32 -80.73 115.47
N THR C 44 -78.11 -80.52 115.97
CA THR C 44 -77.91 -79.45 116.94
C THR C 44 -77.68 -78.11 116.31
N ALA C 45 -78.35 -77.11 116.85
CA ALA C 45 -78.17 -75.76 116.40
C ALA C 45 -76.71 -75.33 116.71
N VAL C 46 -76.10 -74.58 115.77
CA VAL C 46 -74.73 -74.06 115.88
C VAL C 46 -74.65 -72.68 115.31
N SER C 47 -73.60 -71.99 115.70
CA SER C 47 -73.31 -70.72 115.15
C SER C 47 -71.91 -70.82 114.63
N GLU C 48 -71.73 -70.69 113.33
CA GLU C 48 -70.42 -70.77 112.73
C GLU C 48 -70.19 -69.54 111.93
N PRO C 49 -68.95 -69.35 111.49
CA PRO C 49 -68.64 -68.17 110.67
C PRO C 49 -69.45 -68.14 109.34
N LEU C 50 -70.09 -67.02 109.01
CA LEU C 50 -70.82 -66.93 107.76
C LEU C 50 -69.91 -67.33 106.63
N PHE C 51 -68.75 -66.69 106.55
CA PHE C 51 -67.73 -67.02 105.55
C PHE C 51 -66.42 -67.14 106.26
N PRO C 52 -66.03 -68.35 106.69
CA PRO C 52 -64.81 -68.73 107.43
C PRO C 52 -63.82 -67.59 107.65
N ASN C 53 -62.53 -67.77 107.37
CA ASN C 53 -61.52 -66.77 107.71
C ASN C 53 -61.66 -65.38 107.14
N TYR C 54 -62.80 -64.96 106.61
CA TYR C 54 -62.88 -63.59 106.09
C TYR C 54 -63.33 -62.57 107.08
N LEU C 55 -62.84 -61.35 106.86
CA LEU C 55 -63.08 -60.21 107.74
C LEU C 55 -63.25 -58.91 106.97
N PHE C 56 -64.44 -58.33 107.08
CA PHE C 56 -64.70 -57.08 106.41
C PHE C 56 -64.01 -55.99 107.13
N VAL C 57 -63.46 -55.04 106.44
CA VAL C 57 -62.72 -54.00 107.09
C VAL C 57 -63.11 -52.65 106.53
N GLU C 58 -63.37 -51.66 107.41
CA GLU C 58 -63.71 -50.31 106.95
C GLU C 58 -62.68 -49.31 107.44
N PHE C 59 -61.94 -48.77 106.47
CA PHE C 59 -60.93 -47.78 106.76
C PHE C 59 -60.76 -46.89 105.53
N ASP C 60 -59.99 -45.84 105.71
CA ASP C 60 -59.76 -44.90 104.61
C ASP C 60 -58.35 -45.10 104.07
N PRO C 61 -58.23 -45.49 102.81
CA PRO C 61 -57.01 -45.76 102.03
C PRO C 61 -55.95 -44.70 102.21
N GLU C 62 -56.39 -43.45 102.29
CA GLU C 62 -55.46 -42.36 102.47
C GLU C 62 -55.02 -42.27 103.94
N VAL C 63 -55.89 -42.64 104.89
CA VAL C 63 -55.58 -42.54 106.32
C VAL C 63 -54.98 -43.85 106.87
N ILE C 64 -55.13 -44.95 106.14
CA ILE C 64 -54.51 -46.25 106.46
C ILE C 64 -54.54 -47.00 105.15
N HIS C 65 -53.43 -47.14 104.44
CA HIS C 65 -53.56 -47.84 103.17
C HIS C 65 -53.24 -49.29 103.28
N THR C 66 -53.77 -50.01 102.30
CA THR C 66 -53.62 -51.43 102.13
C THR C 66 -52.46 -51.96 102.95
N THR C 67 -51.29 -51.51 102.50
CA THR C 67 -49.98 -51.81 103.02
C THR C 67 -50.01 -52.23 104.46
N THR C 68 -50.33 -51.29 105.34
CA THR C 68 -50.36 -51.53 106.78
C THR C 68 -51.37 -52.57 107.24
N ILE C 69 -52.60 -52.53 106.74
CA ILE C 69 -53.62 -53.50 107.19
C ILE C 69 -53.12 -54.95 106.98
N ASN C 70 -52.31 -55.16 105.93
CA ASN C 70 -51.72 -56.47 105.64
C ASN C 70 -50.71 -56.91 106.72
N ALA C 71 -49.91 -55.95 107.18
CA ALA C 71 -48.92 -56.18 108.23
C ALA C 71 -49.61 -56.72 109.46
N THR C 72 -50.87 -56.34 109.61
CA THR C 72 -51.65 -56.85 110.73
C THR C 72 -51.37 -58.35 110.82
N ARG C 73 -50.78 -58.77 111.93
CA ARG C 73 -50.50 -60.19 112.12
C ARG C 73 -51.78 -61.01 111.92
N GLY C 74 -51.74 -61.96 110.99
CA GLY C 74 -52.91 -62.77 110.75
C GLY C 74 -53.57 -62.52 109.41
N VAL C 75 -53.27 -61.38 108.81
CA VAL C 75 -53.83 -61.06 107.53
C VAL C 75 -53.00 -61.62 106.44
N SER C 76 -53.58 -62.52 105.67
CA SER C 76 -52.87 -63.09 104.56
C SER C 76 -53.08 -62.25 103.33
N HIS C 77 -54.30 -61.77 103.07
CA HIS C 77 -54.49 -60.92 101.86
C HIS C 77 -55.85 -60.26 101.76
N PHE C 78 -55.89 -59.29 100.85
CA PHE C 78 -57.11 -58.59 100.52
C PHE C 78 -57.71 -59.24 99.29
N VAL C 79 -59.01 -59.14 99.13
CA VAL C 79 -59.62 -59.63 97.91
C VAL C 79 -59.43 -58.49 96.88
N ARG C 80 -59.25 -58.78 95.59
CA ARG C 80 -58.98 -57.69 94.62
C ARG C 80 -59.91 -57.70 93.39
N PHE C 81 -60.39 -56.52 92.96
CA PHE C 81 -61.22 -56.48 91.76
C PHE C 81 -60.26 -56.15 90.61
N GLY C 82 -59.92 -54.86 90.48
CA GLY C 82 -58.88 -54.57 89.52
C GLY C 82 -57.69 -55.29 90.16
N ALA C 83 -57.22 -56.41 89.62
CA ALA C 83 -56.15 -57.18 90.29
C ALA C 83 -55.21 -56.33 91.13
N SER C 84 -54.60 -55.27 90.61
CA SER C 84 -53.76 -54.49 91.54
C SER C 84 -54.59 -54.04 92.76
N PRO C 85 -55.63 -53.18 92.62
CA PRO C 85 -56.49 -52.70 93.71
C PRO C 85 -57.11 -53.81 94.57
N ALA C 86 -57.25 -53.46 95.83
CA ALA C 86 -57.93 -54.27 96.79
C ALA C 86 -59.40 -53.94 96.53
N ILE C 87 -60.35 -54.85 96.70
CA ILE C 87 -61.71 -54.42 96.39
C ILE C 87 -62.46 -53.78 97.49
N VAL C 88 -63.39 -52.96 97.02
CA VAL C 88 -64.27 -52.21 97.86
C VAL C 88 -65.69 -52.81 97.84
N PRO C 89 -66.14 -53.60 98.90
CA PRO C 89 -67.51 -54.07 98.76
C PRO C 89 -68.47 -52.91 98.71
N SER C 90 -69.49 -53.02 97.88
CA SER C 90 -70.43 -51.93 97.78
C SER C 90 -71.17 -51.69 99.08
N ALA C 91 -71.54 -50.44 99.35
CA ALA C 91 -72.28 -50.09 100.56
C ALA C 91 -73.46 -50.98 100.67
N VAL C 92 -74.05 -51.32 99.52
CA VAL C 92 -75.21 -52.20 99.50
C VAL C 92 -74.86 -53.66 99.78
N ILE C 93 -73.70 -54.15 99.35
CA ILE C 93 -73.34 -55.53 99.68
C ILE C 93 -73.36 -55.69 101.20
N HIS C 94 -72.84 -54.68 101.87
CA HIS C 94 -72.75 -54.69 103.30
C HIS C 94 -74.09 -54.64 103.98
N GLN C 95 -74.94 -53.75 103.51
CA GLN C 95 -76.28 -53.59 104.05
C GLN C 95 -76.99 -54.94 104.19
N LEU C 96 -77.05 -55.71 103.10
CA LEU C 96 -77.76 -57.01 103.06
C LEU C 96 -77.18 -58.05 104.00
N SER C 97 -75.98 -57.80 104.51
CA SER C 97 -75.32 -58.72 105.41
C SER C 97 -75.92 -58.61 106.83
N VAL C 98 -76.08 -57.37 107.25
CA VAL C 98 -76.54 -57.00 108.58
C VAL C 98 -78.02 -57.21 108.89
N TYR C 99 -78.84 -56.20 108.54
CA TYR C 99 -80.26 -56.24 108.86
C TYR C 99 -81.02 -57.42 108.25
N LYS C 100 -80.80 -57.66 106.97
CA LYS C 100 -81.46 -58.74 106.23
C LYS C 100 -81.08 -60.09 106.83
N LYS C 115 -79.85 -50.41 89.31
CA LYS C 115 -80.91 -50.96 90.18
C LYS C 115 -81.24 -52.35 89.77
N VAL C 116 -81.54 -52.50 88.50
CA VAL C 116 -81.94 -53.79 87.94
C VAL C 116 -80.80 -54.82 87.94
N ILE C 117 -79.56 -54.36 88.07
CA ILE C 117 -78.40 -55.24 88.06
C ILE C 117 -77.83 -55.39 89.47
N ILE C 118 -78.05 -54.39 90.33
CA ILE C 118 -77.49 -54.47 91.69
C ILE C 118 -78.44 -55.11 92.65
N THR C 119 -79.70 -54.81 92.46
CA THR C 119 -80.72 -55.36 93.31
C THR C 119 -80.80 -56.85 93.08
N GLU C 120 -80.97 -57.27 91.83
CA GLU C 120 -81.08 -58.68 91.53
C GLU C 120 -79.80 -59.46 91.80
N GLY C 121 -78.69 -58.77 91.94
CA GLY C 121 -77.46 -59.48 92.21
C GLY C 121 -77.32 -59.67 93.68
N ALA C 122 -77.43 -58.55 94.39
CA ALA C 122 -77.35 -58.59 95.83
C ALA C 122 -78.46 -59.48 96.39
N PHE C 123 -79.70 -59.11 96.05
CA PHE C 123 -80.92 -59.82 96.45
C PHE C 123 -80.72 -61.31 96.44
N GLU C 124 -80.86 -61.85 95.25
CA GLU C 124 -80.74 -63.28 94.96
C GLU C 124 -79.42 -63.85 95.44
N GLY C 125 -78.39 -63.02 95.42
CA GLY C 125 -77.08 -63.50 95.85
C GLY C 125 -77.05 -63.93 97.32
N PHE C 126 -77.55 -63.05 98.18
CA PHE C 126 -77.57 -63.33 99.60
C PHE C 126 -78.64 -64.34 99.97
N GLN C 127 -79.68 -64.46 99.17
CA GLN C 127 -80.64 -65.52 99.47
C GLN C 127 -79.83 -66.86 99.46
N ALA C 128 -79.06 -67.03 98.40
CA ALA C 128 -78.26 -68.22 98.21
C ALA C 128 -77.27 -68.42 99.33
N ILE C 129 -76.57 -67.36 99.71
CA ILE C 129 -75.54 -67.45 100.75
C ILE C 129 -76.14 -67.85 102.08
N PHE C 130 -77.33 -67.33 102.35
CA PHE C 130 -78.03 -67.59 103.60
C PHE C 130 -78.67 -68.94 103.58
N THR C 131 -78.61 -69.65 102.47
CA THR C 131 -79.23 -70.96 102.37
C THR C 131 -78.22 -72.07 102.26
N GLU C 132 -76.98 -71.67 102.03
CA GLU C 132 -75.86 -72.60 101.84
C GLU C 132 -75.40 -73.17 103.16
N PRO C 133 -75.49 -74.49 103.35
CA PRO C 133 -75.09 -75.17 104.57
C PRO C 133 -73.69 -74.83 104.98
N ASP C 134 -72.67 -74.92 104.12
CA ASP C 134 -71.34 -74.55 104.65
C ASP C 134 -70.79 -73.28 104.06
N GLY C 135 -70.00 -72.62 104.91
CA GLY C 135 -69.45 -71.32 104.60
C GLY C 135 -68.49 -71.28 103.44
N GLU C 136 -67.61 -72.26 103.40
CA GLU C 136 -66.63 -72.28 102.35
C GLU C 136 -67.32 -72.06 101.00
N ALA C 137 -68.49 -72.66 100.84
CA ALA C 137 -69.25 -72.50 99.62
C ALA C 137 -69.83 -71.09 99.56
N ARG C 138 -70.12 -70.51 100.73
CA ARG C 138 -70.69 -69.14 100.82
C ARG C 138 -69.64 -68.12 100.47
N SER C 139 -68.40 -68.39 100.89
CA SER C 139 -67.32 -67.49 100.55
C SER C 139 -67.27 -67.33 99.04
N MET C 140 -67.23 -68.43 98.28
CA MET C 140 -67.22 -68.34 96.83
C MET C 140 -68.42 -67.52 96.34
N LEU C 141 -69.60 -67.91 96.76
CA LEU C 141 -70.79 -67.19 96.36
C LEU C 141 -70.70 -65.72 96.68
N LEU C 142 -70.05 -65.38 97.80
CA LEU C 142 -69.89 -63.99 98.24
C LEU C 142 -68.95 -63.26 97.28
N LEU C 143 -67.80 -63.90 97.04
CA LEU C 143 -66.80 -63.37 96.16
C LEU C 143 -67.38 -63.16 94.78
N ASN C 144 -68.08 -64.17 94.26
CA ASN C 144 -68.67 -64.02 92.94
C ASN C 144 -69.64 -62.86 92.93
N LEU C 145 -70.44 -62.80 93.99
CA LEU C 145 -71.44 -61.76 94.12
C LEU C 145 -70.82 -60.38 94.21
N ILE C 146 -69.63 -60.29 94.81
CA ILE C 146 -68.98 -59.00 94.94
C ILE C 146 -68.34 -58.61 93.62
N ASN C 147 -67.74 -59.59 92.95
CA ASN C 147 -67.13 -59.32 91.67
C ASN C 147 -68.19 -58.80 90.74
N LYS C 148 -69.35 -59.47 90.72
CA LYS C 148 -70.44 -59.01 89.88
C LYS C 148 -70.81 -57.57 90.24
N GLU C 149 -71.29 -57.35 91.46
CA GLU C 149 -71.68 -56.00 91.94
C GLU C 149 -70.70 -54.92 91.56
N ILE C 150 -69.40 -55.16 91.67
CA ILE C 150 -68.46 -54.10 91.29
C ILE C 150 -68.47 -53.82 89.81
N LYS C 151 -68.48 -54.84 88.97
CA LYS C 151 -68.50 -54.59 87.51
C LYS C 151 -69.66 -53.69 87.18
N HIS C 152 -70.81 -53.99 87.77
CA HIS C 152 -72.01 -53.19 87.55
C HIS C 152 -71.76 -51.71 87.94
N SER C 153 -71.11 -51.47 89.07
CA SER C 153 -70.84 -50.12 89.50
C SER C 153 -70.05 -49.35 88.45
N VAL C 154 -69.05 -50.00 87.87
CA VAL C 154 -68.19 -49.38 86.86
C VAL C 154 -68.94 -49.17 85.56
N LYS C 155 -69.21 -50.28 84.88
CA LYS C 155 -69.88 -50.30 83.58
C LYS C 155 -71.15 -49.45 83.58
N ASN C 156 -71.81 -49.35 84.73
CA ASN C 156 -73.05 -48.60 84.83
C ASN C 156 -72.94 -47.40 85.80
N GLN D 2 -30.93 -44.72 112.08
CA GLN D 2 -30.75 -43.25 111.85
C GLN D 2 -32.01 -42.68 111.26
N SER D 3 -32.30 -41.44 111.65
CA SER D 3 -33.50 -40.75 111.18
C SER D 3 -33.23 -39.27 111.03
N TRP D 4 -34.03 -38.60 110.23
CA TRP D 4 -33.78 -37.19 110.05
C TRP D 4 -34.53 -36.31 111.03
N TYR D 5 -33.97 -35.14 111.26
CA TYR D 5 -34.52 -34.19 112.22
C TYR D 5 -34.35 -32.80 111.71
N LEU D 6 -35.30 -31.94 112.05
CA LEU D 6 -35.25 -30.56 111.62
C LEU D 6 -34.84 -29.62 112.77
N LEU D 7 -33.67 -28.98 112.66
CA LEU D 7 -33.26 -28.05 113.71
C LEU D 7 -33.50 -26.63 113.27
N TYR D 8 -33.76 -25.72 114.19
CA TYR D 8 -33.87 -24.33 113.82
C TYR D 8 -32.63 -23.71 114.41
N CYS D 9 -31.97 -22.81 113.69
CA CYS D 9 -30.77 -22.24 114.28
C CYS D 9 -30.97 -20.77 114.57
N LYS D 10 -30.21 -20.28 115.55
CA LYS D 10 -30.28 -18.89 115.92
C LYS D 10 -29.98 -18.02 114.70
N ARG D 11 -30.34 -16.75 114.79
CA ARG D 11 -30.18 -15.77 113.70
C ARG D 11 -28.94 -15.91 112.79
N GLY D 12 -27.74 -16.27 113.26
CA GLY D 12 -26.66 -16.33 112.29
C GLY D 12 -25.68 -17.47 112.46
N GLN D 13 -25.99 -18.46 113.28
CA GLN D 13 -25.05 -19.55 113.52
C GLN D 13 -25.33 -20.82 112.72
N LEU D 14 -26.12 -20.77 111.66
CA LEU D 14 -26.41 -22.01 110.94
C LEU D 14 -25.16 -22.63 110.38
N GLN D 15 -24.39 -21.79 109.71
CA GLN D 15 -23.15 -22.21 109.08
C GLN D 15 -22.19 -22.83 110.09
N ARG D 16 -21.95 -22.10 111.17
CA ARG D 16 -21.07 -22.60 112.19
C ARG D 16 -21.57 -23.94 112.78
N ALA D 17 -22.87 -24.02 113.12
CA ALA D 17 -23.46 -25.22 113.71
C ALA D 17 -23.37 -26.42 112.78
N GLN D 18 -23.53 -26.17 111.49
CA GLN D 18 -23.47 -27.23 110.50
C GLN D 18 -22.06 -27.83 110.43
N GLU D 19 -21.04 -26.98 110.50
CA GLU D 19 -19.66 -27.47 110.50
C GLU D 19 -19.45 -28.45 111.65
N HIS D 20 -19.87 -28.02 112.84
CA HIS D 20 -19.78 -28.77 114.10
C HIS D 20 -20.44 -30.16 114.00
N LEU D 21 -21.69 -30.19 113.58
CA LEU D 21 -22.39 -31.45 113.49
C LEU D 21 -21.78 -32.35 112.43
N GLU D 22 -20.94 -31.78 111.56
CA GLU D 22 -20.26 -32.56 110.50
C GLU D 22 -18.89 -33.05 110.98
N ARG D 23 -18.22 -32.25 111.81
CA ARG D 23 -16.94 -32.68 112.40
C ARG D 23 -17.29 -33.83 113.37
N GLN D 24 -18.47 -33.71 114.00
CA GLN D 24 -19.04 -34.82 114.79
C GLN D 24 -19.75 -35.63 113.68
N ALA D 25 -19.96 -36.92 113.83
CA ALA D 25 -20.48 -37.74 112.70
C ALA D 25 -21.82 -37.37 112.05
N VAL D 26 -22.48 -36.32 112.49
CA VAL D 26 -23.81 -36.06 111.90
C VAL D 26 -23.88 -35.52 110.43
N ASN D 27 -24.92 -35.93 109.72
CA ASN D 27 -25.19 -35.46 108.35
C ASN D 27 -26.12 -34.24 108.38
N CYS D 28 -25.73 -33.11 107.79
CA CYS D 28 -26.56 -31.89 107.74
C CYS D 28 -27.04 -31.54 106.33
N LEU D 29 -28.24 -30.94 106.21
CA LEU D 29 -28.74 -30.59 104.89
C LEU D 29 -29.51 -29.31 104.93
N ALA D 30 -28.92 -28.25 104.38
CA ALA D 30 -29.56 -26.93 104.32
C ALA D 30 -29.66 -26.52 102.83
N PRO D 31 -30.74 -26.92 102.16
CA PRO D 31 -30.97 -26.62 100.74
C PRO D 31 -31.06 -25.16 100.45
N MET D 32 -30.64 -24.79 99.25
CA MET D 32 -30.77 -23.43 98.80
C MET D 32 -31.74 -23.47 97.65
N ILE D 33 -32.34 -22.34 97.29
CA ILE D 33 -33.26 -22.35 96.14
C ILE D 33 -32.87 -21.24 95.23
N THR D 34 -32.80 -21.54 93.95
CA THR D 34 -32.46 -20.46 93.04
C THR D 34 -33.76 -19.88 92.51
N LEU D 35 -33.94 -18.61 92.81
CA LEU D 35 -35.13 -17.85 92.45
C LEU D 35 -34.82 -16.55 91.77
N GLU D 36 -35.78 -16.11 90.98
CA GLU D 36 -35.74 -14.84 90.29
C GLU D 36 -36.46 -13.83 91.18
N LYS D 37 -35.70 -13.01 91.87
CA LYS D 37 -36.25 -12.01 92.79
C LYS D 37 -35.88 -10.62 92.36
N ILE D 38 -36.64 -9.64 92.82
CA ILE D 38 -36.29 -8.30 92.45
C ILE D 38 -35.29 -7.78 93.46
N VAL D 39 -34.09 -7.51 92.94
CA VAL D 39 -32.92 -7.05 93.69
C VAL D 39 -32.85 -5.54 93.76
N ARG D 40 -32.55 -4.90 92.63
CA ARG D 40 -32.50 -3.44 92.55
C ARG D 40 -33.19 -2.98 91.28
N GLY D 41 -34.51 -3.16 91.25
CA GLY D 41 -35.31 -2.83 90.08
C GLY D 41 -35.10 -3.90 89.03
N LYS D 42 -34.11 -4.75 89.32
CA LYS D 42 -33.71 -5.82 88.43
C LYS D 42 -34.21 -7.16 88.94
N ARG D 43 -34.60 -8.03 88.00
CA ARG D 43 -35.07 -9.37 88.31
C ARG D 43 -33.88 -10.32 88.36
N THR D 44 -32.94 -10.05 89.25
CA THR D 44 -31.75 -10.86 89.30
C THR D 44 -31.94 -12.24 89.94
N ALA D 45 -31.55 -13.28 89.20
CA ALA D 45 -31.66 -14.60 89.73
C ALA D 45 -30.85 -14.64 91.01
N VAL D 46 -31.29 -15.45 91.96
CA VAL D 46 -30.63 -15.56 93.24
C VAL D 46 -30.67 -16.98 93.79
N SER D 47 -29.81 -17.25 94.77
CA SER D 47 -29.85 -18.52 95.44
C SER D 47 -29.93 -18.21 96.95
N GLU D 48 -31.09 -18.49 97.53
CA GLU D 48 -31.30 -18.26 98.93
C GLU D 48 -31.64 -19.55 99.59
N PRO D 49 -31.62 -19.56 100.93
CA PRO D 49 -31.97 -20.81 101.61
C PRO D 49 -33.43 -21.20 101.33
N LEU D 50 -33.67 -22.49 101.10
CA LEU D 50 -35.00 -22.97 100.81
C LEU D 50 -35.88 -22.59 101.95
N PHE D 51 -35.47 -23.01 103.14
CA PHE D 51 -36.14 -22.73 104.41
C PHE D 51 -35.17 -22.08 105.37
N PRO D 52 -35.05 -20.74 105.37
CA PRO D 52 -34.16 -19.95 106.22
C PRO D 52 -33.34 -20.75 107.25
N ASN D 53 -33.37 -20.31 108.51
CA ASN D 53 -32.52 -20.89 109.57
C ASN D 53 -32.70 -22.37 109.87
N TYR D 54 -33.30 -23.19 109.02
CA TYR D 54 -33.44 -24.57 109.44
C TYR D 54 -32.32 -25.47 108.92
N LEU D 55 -32.12 -26.63 109.56
CA LEU D 55 -31.05 -27.57 109.18
C LEU D 55 -31.47 -28.98 109.42
N PHE D 56 -31.58 -29.79 108.37
CA PHE D 56 -31.96 -31.17 108.53
C PHE D 56 -30.81 -31.94 109.09
N VAL D 57 -31.10 -32.90 109.96
CA VAL D 57 -30.06 -33.64 110.62
C VAL D 57 -30.33 -35.14 110.66
N GLU D 58 -29.37 -35.92 110.21
CA GLU D 58 -29.53 -37.35 110.28
C GLU D 58 -28.54 -37.95 111.25
N PHE D 59 -29.07 -38.58 112.29
CA PHE D 59 -28.24 -39.24 113.30
C PHE D 59 -29.06 -40.29 113.98
N ASP D 60 -28.45 -41.05 114.87
CA ASP D 60 -29.20 -42.06 115.57
C ASP D 60 -29.38 -41.68 117.02
N PRO D 61 -30.65 -41.68 117.48
CA PRO D 61 -31.20 -41.36 118.80
C PRO D 61 -30.43 -42.01 119.96
N GLU D 62 -29.90 -43.22 119.78
CA GLU D 62 -29.15 -43.81 120.90
C GLU D 62 -27.65 -43.53 120.79
N VAL D 63 -27.19 -43.23 119.56
CA VAL D 63 -25.79 -42.97 119.27
C VAL D 63 -25.41 -41.54 119.66
N ILE D 64 -26.35 -40.62 119.46
CA ILE D 64 -26.24 -39.21 119.83
C ILE D 64 -27.66 -38.74 120.09
N HIS D 65 -28.04 -38.47 121.33
CA HIS D 65 -29.44 -38.09 121.52
C HIS D 65 -29.64 -36.62 121.64
N THR D 66 -30.85 -36.28 121.22
CA THR D 66 -31.36 -34.94 121.19
C THR D 66 -30.47 -34.01 121.95
N THR D 67 -30.47 -34.26 123.25
CA THR D 67 -29.70 -33.52 124.24
C THR D 67 -28.42 -32.89 123.69
N THR D 68 -27.54 -33.72 123.12
CA THR D 68 -26.25 -33.26 122.61
C THR D 68 -26.37 -32.33 121.40
N ILE D 69 -27.14 -32.74 120.39
CA ILE D 69 -27.33 -31.95 119.17
C ILE D 69 -27.72 -30.49 119.49
N ASN D 70 -28.50 -30.30 120.54
CA ASN D 70 -28.93 -28.97 120.93
C ASN D 70 -27.71 -28.17 121.35
N ALA D 71 -26.89 -28.81 122.19
CA ALA D 71 -25.67 -28.24 122.75
C ALA D 71 -24.83 -27.67 121.65
N THR D 72 -25.02 -28.21 120.46
CA THR D 72 -24.37 -27.72 119.27
C THR D 72 -24.58 -26.21 119.19
N ARG D 73 -23.46 -25.51 119.18
CA ARG D 73 -23.45 -24.08 119.16
C ARG D 73 -24.27 -23.57 117.97
N GLY D 74 -25.36 -22.86 118.22
CA GLY D 74 -26.12 -22.34 117.10
C GLY D 74 -27.45 -22.97 116.96
N VAL D 75 -27.68 -24.03 117.72
CA VAL D 75 -28.94 -24.72 117.62
C VAL D 75 -29.88 -24.20 118.65
N SER D 76 -30.99 -23.64 118.18
CA SER D 76 -31.98 -23.15 119.09
C SER D 76 -32.88 -24.29 119.50
N HIS D 77 -33.45 -25.01 118.54
CA HIS D 77 -34.38 -26.09 118.87
C HIS D 77 -34.62 -27.08 117.77
N PHE D 78 -35.27 -28.15 118.21
CA PHE D 78 -35.68 -29.21 117.33
C PHE D 78 -37.14 -28.93 117.03
N VAL D 79 -37.65 -29.34 115.88
CA VAL D 79 -39.08 -29.22 115.66
C VAL D 79 -39.67 -30.45 116.38
N ARG D 80 -40.91 -30.43 116.88
CA ARG D 80 -41.42 -31.61 117.63
C ARG D 80 -42.84 -32.04 117.22
N PHE D 81 -43.08 -33.34 116.97
CA PHE D 81 -44.43 -33.80 116.64
C PHE D 81 -45.10 -34.12 117.97
N GLY D 82 -44.86 -35.33 118.46
CA GLY D 82 -45.30 -35.55 119.82
C GLY D 82 -44.53 -34.44 120.52
N ALA D 83 -45.23 -33.43 121.01
CA ALA D 83 -44.58 -32.32 121.64
C ALA D 83 -43.33 -32.73 122.42
N SER D 84 -43.38 -33.68 123.35
CA SER D 84 -42.13 -34.06 123.99
C SER D 84 -41.09 -34.44 122.91
N PRO D 85 -41.32 -35.49 122.11
CA PRO D 85 -40.42 -35.96 121.04
C PRO D 85 -40.01 -34.87 120.00
N ALA D 86 -38.76 -35.04 119.57
CA ALA D 86 -38.20 -34.24 118.51
C ALA D 86 -38.74 -34.92 117.23
N ILE D 87 -39.04 -34.19 116.15
CA ILE D 87 -39.60 -34.89 115.00
C ILE D 87 -38.62 -35.43 114.07
N VAL D 88 -39.08 -36.51 113.45
CA VAL D 88 -38.38 -37.29 112.46
C VAL D 88 -39.03 -37.05 111.10
N PRO D 89 -38.36 -36.35 110.16
CA PRO D 89 -39.15 -36.26 108.94
C PRO D 89 -39.15 -37.59 108.22
N SER D 90 -40.28 -37.90 107.58
CA SER D 90 -40.38 -39.15 106.87
C SER D 90 -39.34 -39.26 105.78
N ALA D 91 -38.88 -40.50 105.53
CA ALA D 91 -37.90 -40.77 104.52
C ALA D 91 -38.36 -40.14 103.24
N VAL D 92 -39.67 -40.13 103.02
CA VAL D 92 -40.20 -39.55 101.77
C VAL D 92 -40.25 -37.99 101.76
N ILE D 93 -40.33 -37.36 102.92
CA ILE D 93 -40.34 -35.90 102.91
C ILE D 93 -39.01 -35.49 102.38
N HIS D 94 -38.00 -36.19 102.85
CA HIS D 94 -36.64 -35.93 102.50
C HIS D 94 -36.36 -36.08 101.02
N GLN D 95 -36.79 -37.21 100.46
CA GLN D 95 -36.60 -37.52 99.05
C GLN D 95 -36.99 -36.34 98.17
N LEU D 96 -38.24 -35.88 98.31
CA LEU D 96 -38.81 -34.78 97.51
C LEU D 96 -38.04 -33.54 97.61
N SER D 97 -37.15 -33.42 98.58
CA SER D 97 -36.33 -32.23 98.74
C SER D 97 -35.19 -32.23 97.70
N VAL D 98 -34.58 -33.40 97.69
CA VAL D 98 -33.39 -33.79 96.95
C VAL D 98 -33.46 -33.74 95.44
N TYR D 99 -33.75 -34.87 94.83
CA TYR D 99 -33.71 -35.05 93.38
C TYR D 99 -34.81 -34.36 92.60
N LYS D 100 -35.99 -34.28 93.19
CA LYS D 100 -37.09 -33.65 92.48
C LYS D 100 -37.03 -32.14 92.64
N LYS D 115 -49.71 -43.95 100.61
CA LYS D 115 -49.57 -43.73 99.16
C LYS D 115 -50.46 -42.58 98.73
N VAL D 116 -51.75 -42.70 99.00
CA VAL D 116 -52.64 -41.62 98.58
C VAL D 116 -52.59 -40.37 99.48
N ILE D 117 -52.09 -40.47 100.73
CA ILE D 117 -51.93 -39.25 101.59
C ILE D 117 -50.44 -38.96 101.76
N ILE D 118 -49.64 -39.99 101.55
CA ILE D 118 -48.18 -39.88 101.58
C ILE D 118 -47.76 -39.04 100.37
N THR D 119 -48.18 -39.55 99.23
CA THR D 119 -47.85 -38.96 97.95
C THR D 119 -48.54 -37.63 97.75
N GLU D 120 -49.86 -37.57 97.97
CA GLU D 120 -50.56 -36.33 97.73
C GLU D 120 -50.11 -35.21 98.67
N GLY D 121 -49.35 -35.57 99.69
CA GLY D 121 -48.96 -34.55 100.63
C GLY D 121 -47.61 -34.00 100.29
N ALA D 122 -46.67 -34.92 100.12
CA ALA D 122 -45.34 -34.53 99.78
C ALA D 122 -45.39 -33.81 98.44
N PHE D 123 -45.90 -34.51 97.43
CA PHE D 123 -46.07 -34.02 96.04
C PHE D 123 -46.46 -32.55 96.02
N GLU D 124 -47.77 -32.31 96.11
CA GLU D 124 -48.37 -30.97 96.10
C GLU D 124 -47.68 -30.05 97.10
N GLY D 125 -47.34 -30.62 98.25
CA GLY D 125 -46.69 -29.85 99.28
C GLY D 125 -45.49 -29.12 98.77
N PHE D 126 -44.59 -29.88 98.16
CA PHE D 126 -43.37 -29.31 97.66
C PHE D 126 -43.57 -28.44 96.47
N GLN D 127 -44.60 -28.72 95.67
CA GLN D 127 -44.81 -27.86 94.53
C GLN D 127 -45.03 -26.43 95.02
N ALA D 128 -45.80 -26.35 96.09
CA ALA D 128 -46.12 -25.09 96.69
C ALA D 128 -44.89 -24.48 97.37
N ILE D 129 -44.05 -25.29 98.02
CA ILE D 129 -42.85 -24.70 98.63
C ILE D 129 -41.85 -24.17 97.55
N PHE D 130 -41.82 -24.83 96.39
CA PHE D 130 -40.91 -24.46 95.33
C PHE D 130 -41.49 -23.37 94.47
N THR D 131 -42.67 -22.89 94.80
CA THR D 131 -43.25 -21.81 94.02
C THR D 131 -43.39 -20.56 94.87
N GLU D 132 -43.04 -20.68 96.14
CA GLU D 132 -43.16 -19.59 97.11
C GLU D 132 -41.97 -18.66 97.11
N PRO D 133 -42.18 -17.41 96.67
CA PRO D 133 -41.15 -16.38 96.61
C PRO D 133 -40.30 -16.26 97.90
N ASP D 134 -40.86 -16.14 99.11
CA ASP D 134 -39.95 -16.02 100.25
C ASP D 134 -39.98 -17.25 101.12
N GLY D 135 -38.82 -17.53 101.70
CA GLY D 135 -38.61 -18.72 102.50
C GLY D 135 -39.42 -18.83 103.77
N GLU D 136 -39.50 -17.75 104.53
CA GLU D 136 -40.23 -17.83 105.78
C GLU D 136 -41.62 -18.40 105.54
N ALA D 137 -42.23 -18.07 104.41
CA ALA D 137 -43.54 -18.62 104.10
C ALA D 137 -43.40 -20.12 103.84
N ARG D 138 -42.32 -20.50 103.18
CA ARG D 138 -42.04 -21.89 102.86
C ARG D 138 -41.76 -22.71 104.11
N SER D 139 -41.14 -22.09 105.13
CA SER D 139 -40.86 -22.82 106.36
C SER D 139 -42.14 -23.27 107.00
N MET D 140 -43.12 -22.37 107.08
CA MET D 140 -44.43 -22.76 107.59
C MET D 140 -44.99 -23.94 106.77
N LEU D 141 -45.00 -23.76 105.45
CA LEU D 141 -45.50 -24.78 104.53
C LEU D 141 -44.79 -26.13 104.74
N LEU D 142 -43.49 -26.08 105.07
CA LEU D 142 -42.74 -27.33 105.26
C LEU D 142 -43.10 -27.97 106.57
N LEU D 143 -43.26 -27.12 107.56
CA LEU D 143 -43.63 -27.59 108.85
C LEU D 143 -45.02 -28.20 108.79
N ASN D 144 -45.96 -27.52 108.14
CA ASN D 144 -47.31 -28.06 108.03
C ASN D 144 -47.28 -29.38 107.27
N LEU D 145 -46.46 -29.43 106.22
CA LEU D 145 -46.37 -30.61 105.38
C LEU D 145 -45.72 -31.75 106.14
N ILE D 146 -44.82 -31.39 107.06
CA ILE D 146 -44.13 -32.41 107.86
C ILE D 146 -45.11 -32.99 108.90
N ASN D 147 -45.84 -32.08 109.54
CA ASN D 147 -46.83 -32.46 110.53
C ASN D 147 -47.87 -33.41 109.91
N LYS D 148 -48.36 -33.06 108.74
CA LYS D 148 -49.28 -33.96 108.07
C LYS D 148 -48.57 -35.32 107.90
N GLU D 149 -47.55 -35.38 107.04
CA GLU D 149 -46.83 -36.63 106.73
C GLU D 149 -46.61 -37.49 107.93
N ILE D 150 -46.23 -36.87 109.04
CA ILE D 150 -45.99 -37.68 110.19
C ILE D 150 -47.24 -38.38 110.65
N LYS D 151 -48.32 -37.62 110.87
CA LYS D 151 -49.55 -38.27 111.30
C LYS D 151 -49.89 -39.41 110.32
N HIS D 152 -49.61 -39.20 109.03
CA HIS D 152 -49.88 -40.21 108.03
C HIS D 152 -49.06 -41.44 108.28
N SER D 153 -47.87 -41.27 108.81
CA SER D 153 -47.06 -42.45 109.08
C SER D 153 -47.63 -43.28 110.23
N VAL D 154 -48.01 -42.62 111.31
CA VAL D 154 -48.61 -43.31 112.44
C VAL D 154 -50.04 -43.84 112.09
N LYS D 155 -51.06 -42.97 111.99
CA LYS D 155 -52.45 -43.39 111.69
C LYS D 155 -52.50 -44.49 110.63
N ASN D 156 -51.54 -44.44 109.70
CA ASN D 156 -51.40 -45.39 108.57
C ASN D 156 -50.20 -46.26 108.83
#